data_2NT2
#
_entry.id   2NT2
#
_cell.length_a   94.58
_cell.length_b   94.58
_cell.length_c   38.77
_cell.angle_alpha   90
_cell.angle_beta   90
_cell.angle_gamma   120
#
_symmetry.space_group_name_H-M   'P 32'
#
loop_
_entity.id
_entity.type
_entity.pdbx_description
1 polymer 'Protein phosphatase Slingshot homolog 2'
2 non-polymer 'SULFATE ION'
3 water water
#
_entity_poly.entity_id   1
_entity_poly.type   'polypeptide(L)'
_entity_poly.pdbx_seq_one_letter_code
;MDSPTQIFEHVFLGSEWNASNLEDLQNRGVRYILNVTREIDNFFPGVFEYHNIRVYDEEATDLLAYWNDTYKFISKAKKH
GSKCLVHSKMGVSRSASTVIAYAMKEYGWNLDRAYDYVKERRTVTKPNPSFMRQLEEYQGILLAR
;
_entity_poly.pdbx_strand_id   A,B,C
#
loop_
_chem_comp.id
_chem_comp.type
_chem_comp.name
_chem_comp.formula
SO4 non-polymer 'SULFATE ION' 'O4 S -2'
#
# COMPACT_ATOMS: atom_id res chain seq x y z
N SER A 3 -0.95 5.05 -0.81
CA SER A 3 -1.18 6.48 -1.00
C SER A 3 -1.50 7.16 0.32
N PRO A 4 -1.47 8.49 0.35
CA PRO A 4 -1.97 9.23 1.52
C PRO A 4 -3.47 9.00 1.66
N THR A 5 -3.98 9.07 2.88
CA THR A 5 -5.39 8.73 3.07
C THR A 5 -6.21 10.00 3.34
N GLN A 6 -7.20 10.25 2.50
CA GLN A 6 -8.07 11.41 2.71
C GLN A 6 -9.01 11.17 3.88
N ILE A 7 -8.93 12.03 4.89
CA ILE A 7 -9.81 11.84 6.04
C ILE A 7 -10.92 12.87 6.08
N PHE A 8 -10.57 14.09 5.70
CA PHE A 8 -11.58 15.13 5.53
C PHE A 8 -11.35 15.84 4.20
N GLU A 9 -12.26 16.73 3.82
CA GLU A 9 -12.12 17.44 2.55
C GLU A 9 -10.70 18.03 2.45
N HIS A 10 -10.25 18.60 3.56
CA HIS A 10 -9.00 19.32 3.62
C HIS A 10 -7.89 18.58 4.36
N VAL A 11 -8.03 17.29 4.59
CA VAL A 11 -7.04 16.59 5.43
C VAL A 11 -6.64 15.24 4.85
N PHE A 12 -5.34 15.05 4.69
CA PHE A 12 -4.81 13.74 4.33
C PHE A 12 -3.91 13.20 5.45
N LEU A 13 -3.94 11.89 5.62
CA LEU A 13 -3.07 11.20 6.57
C LEU A 13 -2.10 10.27 5.84
N GLY A 14 -0.79 10.42 6.05
CA GLY A 14 0.16 9.65 5.25
C GLY A 14 1.53 9.45 5.86
N SER A 15 2.48 9.01 5.04
CA SER A 15 3.83 8.71 5.46
C SER A 15 4.85 9.66 4.86
N GLU A 16 6.12 9.43 5.22
CA GLU A 16 7.20 10.24 4.66
C GLU A 16 7.34 10.01 3.16
N TRP A 17 7.05 8.79 2.73
CA TRP A 17 7.16 8.47 1.29
C TRP A 17 6.04 9.13 0.50
N ASN A 18 4.93 9.41 1.16
CA ASN A 18 3.88 10.25 0.58
C ASN A 18 4.32 11.71 0.55
N ALA A 19 5.06 12.14 1.58
CA ALA A 19 5.42 13.55 1.64
C ALA A 19 6.53 13.89 0.63
N SER A 20 7.26 12.87 0.18
CA SER A 20 8.28 13.05 -0.83
C SER A 20 7.77 12.84 -2.25
N ASN A 21 6.48 12.55 -2.41
CA ASN A 21 5.91 12.32 -3.74
C ASN A 21 5.20 13.56 -4.25
N LEU A 22 5.97 14.51 -4.78
CA LEU A 22 5.50 15.84 -5.11
C LEU A 22 4.27 15.84 -6.02
N GLU A 23 4.41 15.16 -7.16
CA GLU A 23 3.34 15.10 -8.15
C GLU A 23 2.06 14.57 -7.53
N ASP A 24 2.17 13.56 -6.66
CA ASP A 24 0.97 13.02 -6.02
C ASP A 24 0.24 14.11 -5.23
N LEU A 25 1.02 14.83 -4.43
CA LEU A 25 0.59 15.91 -3.58
C LEU A 25 -0.04 17.05 -4.37
N GLN A 26 0.68 17.48 -5.41
CA GLN A 26 0.19 18.57 -6.25
C GLN A 26 -1.15 18.21 -6.87
N ASN A 27 -1.24 17.00 -7.41
CA ASN A 27 -2.45 16.52 -8.07
C ASN A 27 -3.63 16.44 -7.11
N ARG A 28 -3.36 16.08 -5.85
CA ARG A 28 -4.42 15.97 -4.87
C ARG A 28 -4.84 17.34 -4.34
N GLY A 29 -4.14 18.38 -4.75
CA GLY A 29 -4.46 19.74 -4.37
C GLY A 29 -3.92 20.13 -3.00
N VAL A 30 -2.86 19.47 -2.57
CA VAL A 30 -2.24 19.76 -1.28
C VAL A 30 -1.30 20.95 -1.40
N ARG A 31 -1.28 21.84 -0.41
CA ARG A 31 -0.33 22.95 -0.43
C ARG A 31 0.23 23.20 0.97
N TYR A 32 -0.41 22.58 1.94
CA TYR A 32 -0.01 22.65 3.34
C TYR A 32 0.46 21.27 3.79
N ILE A 33 1.55 21.23 4.54
CA ILE A 33 2.03 19.95 5.04
C ILE A 33 2.37 20.03 6.53
N LEU A 34 1.66 19.22 7.29
CA LEU A 34 1.90 19.02 8.71
C LEU A 34 2.79 17.79 8.92
N ASN A 35 4.05 18.09 9.18
CA ASN A 35 5.09 17.11 9.39
C ASN A 35 5.31 16.88 10.89
N VAL A 36 4.70 15.82 11.41
CA VAL A 36 4.70 15.48 12.82
C VAL A 36 5.89 14.59 13.18
N THR A 37 7.09 15.02 12.81
CA THR A 37 8.30 14.27 13.08
C THR A 37 9.45 15.21 13.48
N ARG A 38 10.44 14.62 14.12
CA ARG A 38 11.71 15.29 14.37
C ARG A 38 12.73 14.91 13.29
N GLU A 39 12.67 13.67 12.85
CA GLU A 39 13.66 13.03 12.00
C GLU A 39 13.40 13.06 10.51
N ILE A 40 12.18 13.42 10.09
CA ILE A 40 11.94 13.46 8.64
C ILE A 40 11.96 14.91 8.16
N ASP A 41 12.53 15.11 6.98
CA ASP A 41 12.69 16.42 6.39
C ASP A 41 11.42 16.95 5.73
N ASN A 42 11.41 18.26 5.55
CA ASN A 42 10.55 19.01 4.67
C ASN A 42 11.12 18.94 3.24
N PHE A 43 10.61 18.00 2.46
CA PHE A 43 11.15 17.68 1.15
C PHE A 43 11.06 18.81 0.16
N PHE A 44 10.01 19.64 0.20
CA PHE A 44 9.83 20.63 -0.87
C PHE A 44 9.61 22.04 -0.35
N PRO A 45 10.59 22.62 0.35
CA PRO A 45 10.41 24.02 0.79
C PRO A 45 10.41 24.95 -0.42
N GLY A 46 9.41 25.81 -0.52
CA GLY A 46 9.27 26.65 -1.72
C GLY A 46 8.14 26.17 -2.61
N VAL A 47 7.65 24.96 -2.32
CA VAL A 47 6.48 24.42 -2.99
C VAL A 47 5.31 24.40 -2.00
N PHE A 48 5.58 23.94 -0.78
CA PHE A 48 4.53 23.82 0.22
C PHE A 48 4.84 24.59 1.50
N GLU A 49 3.79 25.08 2.13
CA GLU A 49 3.83 25.66 3.46
C GLU A 49 3.89 24.57 4.52
N TYR A 50 4.93 24.61 5.35
CA TYR A 50 5.20 23.57 6.32
C TYR A 50 4.93 24.00 7.76
N HIS A 51 4.53 23.03 8.57
CA HIS A 51 4.50 23.15 10.02
C HIS A 51 5.07 21.90 10.66
N ASN A 52 6.01 22.06 11.58
CA ASN A 52 6.75 20.90 12.10
C ASN A 52 6.54 20.72 13.60
N ILE A 53 6.27 19.47 13.99
CA ILE A 53 6.07 19.05 15.36
C ILE A 53 7.17 18.04 15.71
N ARG A 54 8.27 18.60 16.18
CA ARG A 54 9.58 17.96 16.20
C ARG A 54 9.74 17.01 17.39
N VAL A 55 9.10 15.87 17.23
CA VAL A 55 8.80 14.89 18.27
C VAL A 55 9.06 13.47 17.79
N TYR A 56 9.47 12.58 18.69
CA TYR A 56 9.68 11.19 18.29
C TYR A 56 8.45 10.35 18.66
N ASP A 57 8.28 9.24 17.96
CA ASP A 57 7.21 8.28 18.18
C ASP A 57 7.55 7.39 19.38
N GLU A 58 7.47 7.98 20.57
CA GLU A 58 7.82 7.31 21.81
C GLU A 58 6.89 7.72 22.96
N GLU A 59 6.80 6.86 23.95
CA GLU A 59 5.92 7.03 25.09
C GLU A 59 6.17 8.35 25.81
N ALA A 60 7.40 8.84 25.72
CA ALA A 60 7.82 10.04 26.43
C ALA A 60 7.38 11.30 25.70
N THR A 61 6.87 11.11 24.49
CA THR A 61 6.39 12.24 23.71
C THR A 61 5.02 12.71 24.22
N ASP A 62 4.94 14.00 24.51
CA ASP A 62 3.68 14.64 24.86
C ASP A 62 3.11 15.39 23.65
N LEU A 63 2.31 14.68 22.85
CA LEU A 63 1.71 15.25 21.66
C LEU A 63 0.53 16.16 22.00
N LEU A 64 -0.14 15.82 23.09
CA LEU A 64 -1.23 16.61 23.64
C LEU A 64 -0.88 18.09 23.66
N ALA A 65 0.29 18.43 24.17
CA ALA A 65 0.74 19.82 24.20
C ALA A 65 0.77 20.47 22.82
N TYR A 66 0.75 19.70 21.74
CA TYR A 66 0.87 20.31 20.42
C TYR A 66 -0.42 20.32 19.62
N TRP A 67 -1.55 19.79 20.11
CA TRP A 67 -2.68 19.60 19.21
C TRP A 67 -3.38 20.92 18.87
N ASN A 68 -3.23 21.98 19.65
CA ASN A 68 -3.90 23.23 19.26
C ASN A 68 -3.09 23.95 18.18
N ASP A 69 -1.78 23.75 18.22
CA ASP A 69 -0.86 24.18 17.18
C ASP A 69 -1.21 23.47 15.87
N THR A 70 -1.39 22.16 15.99
CA THR A 70 -1.79 21.35 14.84
C THR A 70 -3.17 21.77 14.36
N TYR A 71 -4.07 21.97 15.33
CA TYR A 71 -5.38 22.49 15.02
C TYR A 71 -5.29 23.78 14.20
N LYS A 72 -4.48 24.71 14.68
CA LYS A 72 -4.29 26.02 14.08
C LYS A 72 -3.89 25.92 12.60
N PHE A 73 -2.89 25.08 12.35
CA PHE A 73 -2.36 24.92 11.00
C PHE A 73 -3.39 24.31 10.06
N ILE A 74 -3.98 23.19 10.47
CA ILE A 74 -4.93 22.47 9.64
C ILE A 74 -6.16 23.32 9.34
N SER A 75 -6.58 24.07 10.37
CA SER A 75 -7.65 25.04 10.24
C SER A 75 -7.26 26.11 9.22
N LYS A 76 -5.98 26.46 9.23
CA LYS A 76 -5.42 27.39 8.27
C LYS A 76 -5.57 26.88 6.85
N ALA A 77 -5.29 25.60 6.64
CA ALA A 77 -5.39 25.03 5.29
C ALA A 77 -6.79 25.23 4.72
N LYS A 78 -7.78 24.72 5.44
CA LYS A 78 -9.19 24.91 5.08
C LYS A 78 -9.51 26.37 4.82
N LYS A 79 -8.96 27.25 5.65
CA LYS A 79 -9.28 28.68 5.58
C LYS A 79 -9.03 29.20 4.17
N HIS A 80 -7.85 28.87 3.64
CA HIS A 80 -7.48 29.33 2.32
C HIS A 80 -7.99 28.39 1.23
N GLY A 81 -8.99 27.58 1.54
CA GLY A 81 -9.57 26.68 0.58
C GLY A 81 -8.59 25.67 0.02
N SER A 82 -7.70 25.14 0.87
CA SER A 82 -6.72 24.16 0.41
C SER A 82 -6.76 22.89 1.26
N LYS A 83 -5.85 21.98 0.99
CA LYS A 83 -5.77 20.68 1.63
C LYS A 83 -4.41 20.51 2.34
N CYS A 84 -4.43 19.67 3.37
CA CYS A 84 -3.28 19.48 4.24
C CYS A 84 -2.92 18.00 4.35
N LEU A 85 -1.64 17.70 4.21
CA LEU A 85 -1.14 16.35 4.47
C LEU A 85 -0.61 16.24 5.90
N VAL A 86 -1.28 15.44 6.72
CA VAL A 86 -0.67 15.13 8.01
C VAL A 86 0.13 13.84 7.90
N HIS A 87 1.44 13.94 8.10
CA HIS A 87 2.30 12.77 7.95
C HIS A 87 3.32 12.65 9.07
N SER A 88 3.77 11.41 9.26
CA SER A 88 4.87 11.06 10.14
C SER A 88 5.91 10.28 9.35
N LYS A 89 6.57 9.32 9.97
CA LYS A 89 7.39 8.38 9.20
C LYS A 89 6.50 7.29 8.60
N MET A 90 5.69 6.63 9.42
CA MET A 90 4.83 5.57 8.90
C MET A 90 3.41 6.02 8.63
N GLY A 91 2.97 7.09 9.27
CA GLY A 91 1.58 7.53 9.15
C GLY A 91 0.66 6.67 9.99
N VAL A 92 1.17 6.19 11.12
CA VAL A 92 0.49 5.20 11.95
C VAL A 92 0.23 5.70 13.36
N SER A 93 1.15 6.48 13.91
CA SER A 93 1.08 6.85 15.32
C SER A 93 1.08 8.36 15.53
N ARG A 94 2.19 9.03 15.24
CA ARG A 94 2.23 10.48 15.46
C ARG A 94 1.22 11.20 14.59
N SER A 95 1.17 10.86 13.31
CA SER A 95 0.26 11.49 12.37
C SER A 95 -1.19 11.09 12.65
N ALA A 96 -1.41 9.79 12.85
CA ALA A 96 -2.77 9.29 13.06
C ALA A 96 -3.42 9.93 14.28
N SER A 97 -2.68 9.93 15.39
CA SER A 97 -3.15 10.50 16.64
C SER A 97 -3.55 11.96 16.47
N THR A 98 -2.66 12.73 15.83
CA THR A 98 -2.91 14.14 15.58
C THR A 98 -4.22 14.33 14.81
N VAL A 99 -4.40 13.52 13.77
CA VAL A 99 -5.61 13.61 12.96
C VAL A 99 -6.84 13.26 13.79
N ILE A 100 -6.73 12.26 14.66
CA ILE A 100 -7.88 11.89 15.48
C ILE A 100 -8.28 13.04 16.40
N ALA A 101 -7.29 13.67 17.02
CA ALA A 101 -7.49 14.79 17.91
C ALA A 101 -8.14 15.96 17.19
N TYR A 102 -7.69 16.26 15.98
CA TYR A 102 -8.28 17.38 15.26
C TYR A 102 -9.78 17.15 15.03
N ALA A 103 -10.15 15.95 14.63
CA ALA A 103 -11.54 15.58 14.39
C ALA A 103 -12.38 15.70 15.65
N MET A 104 -11.85 15.27 16.79
CA MET A 104 -12.54 15.45 18.07
C MET A 104 -12.83 16.92 18.31
N LYS A 105 -11.77 17.72 18.21
CA LYS A 105 -11.88 19.16 18.40
C LYS A 105 -12.81 19.81 17.37
N GLU A 106 -12.52 19.56 16.10
CA GLU A 106 -13.18 20.23 14.98
C GLU A 106 -14.64 19.88 14.88
N TYR A 107 -14.99 18.59 14.86
CA TYR A 107 -16.40 18.24 14.65
C TYR A 107 -17.07 17.82 15.95
N GLY A 108 -16.31 17.89 17.04
CA GLY A 108 -16.80 17.58 18.38
C GLY A 108 -17.15 16.12 18.53
N TRP A 109 -16.35 15.27 17.90
CA TRP A 109 -16.54 13.83 17.90
C TRP A 109 -16.03 13.14 19.15
N ASN A 110 -16.76 12.13 19.63
CA ASN A 110 -16.24 11.28 20.69
C ASN A 110 -14.93 10.62 20.25
N LEU A 111 -14.11 10.18 21.19
CA LEU A 111 -12.83 9.58 20.79
C LEU A 111 -13.04 8.31 19.98
N ASP A 112 -13.85 7.38 20.47
CA ASP A 112 -14.03 6.15 19.71
C ASP A 112 -14.62 6.44 18.32
N ARG A 113 -15.54 7.38 18.29
CA ARG A 113 -16.09 8.03 17.13
C ARG A 113 -15.03 8.37 16.09
N ALA A 114 -14.10 9.23 16.48
CA ALA A 114 -13.04 9.76 15.62
C ALA A 114 -12.00 8.69 15.34
N TYR A 115 -11.56 7.96 16.37
CA TYR A 115 -10.60 6.88 16.13
C TYR A 115 -11.18 5.89 15.12
N ASP A 116 -12.42 5.47 15.35
CA ASP A 116 -13.16 4.59 14.47
C ASP A 116 -13.29 5.16 13.05
N TYR A 117 -13.56 6.46 12.98
CA TYR A 117 -13.67 7.12 11.69
C TYR A 117 -12.35 7.03 10.94
N VAL A 118 -11.28 7.37 11.66
CA VAL A 118 -9.94 7.37 11.08
C VAL A 118 -9.44 5.95 10.83
N LYS A 119 -9.75 5.03 11.73
CA LYS A 119 -9.24 3.66 11.59
C LYS A 119 -9.84 2.98 10.36
N GLU A 120 -11.10 3.28 10.08
CA GLU A 120 -11.82 2.71 8.95
C GLU A 120 -11.16 3.03 7.63
N ARG A 121 -10.75 4.29 7.43
CA ARG A 121 -10.09 4.68 6.18
C ARG A 121 -8.61 4.34 6.16
N ARG A 122 -7.95 4.57 7.29
CA ARG A 122 -6.53 4.21 7.35
C ARG A 122 -6.31 3.09 8.36
N THR A 123 -6.48 1.87 7.87
CA THR A 123 -6.45 0.65 8.65
C THR A 123 -5.15 0.46 9.41
N VAL A 124 -4.05 1.00 8.92
CA VAL A 124 -2.78 0.80 9.63
C VAL A 124 -2.66 1.76 10.81
N THR A 125 -3.58 2.71 10.94
CA THR A 125 -3.56 3.65 12.05
C THR A 125 -3.45 2.92 13.39
N LYS A 126 -2.49 3.35 14.19
CA LYS A 126 -2.20 2.70 15.46
C LYS A 126 -1.35 3.62 16.34
N PRO A 127 -2.03 4.56 16.99
CA PRO A 127 -1.33 5.45 17.93
C PRO A 127 -0.61 4.64 19.00
N ASN A 128 0.57 5.11 19.40
CA ASN A 128 1.30 4.37 20.43
C ASN A 128 0.57 4.51 21.76
N PRO A 129 0.74 3.54 22.65
CA PRO A 129 -0.07 3.44 23.86
C PRO A 129 -0.11 4.73 24.67
N SER A 130 1.01 5.44 24.72
CA SER A 130 1.05 6.75 25.36
C SER A 130 0.26 7.77 24.56
N PHE A 131 0.27 7.64 23.23
CA PHE A 131 -0.54 8.56 22.44
C PHE A 131 -2.01 8.29 22.67
N MET A 132 -2.33 7.00 22.87
CA MET A 132 -3.73 6.66 23.17
C MET A 132 -4.19 7.26 24.49
N ARG A 133 -3.36 7.14 25.52
CA ARG A 133 -3.69 7.72 26.82
C ARG A 133 -3.98 9.21 26.68
N GLN A 134 -3.19 9.87 25.85
CA GLN A 134 -3.29 11.32 25.71
C GLN A 134 -4.55 11.76 24.99
N LEU A 135 -4.99 10.97 24.03
CA LEU A 135 -6.24 11.26 23.31
C LEU A 135 -7.44 11.15 24.24
N GLU A 136 -7.41 10.16 25.13
CA GLU A 136 -8.37 10.03 26.21
C GLU A 136 -8.35 11.26 27.11
N GLU A 137 -7.13 11.73 27.42
CA GLU A 137 -7.03 12.98 28.18
C GLU A 137 -7.69 14.11 27.39
N TYR A 138 -7.27 14.26 26.14
CA TYR A 138 -7.72 15.33 25.26
C TYR A 138 -9.25 15.42 25.28
N GLN A 139 -9.87 14.26 25.14
CA GLN A 139 -11.32 14.13 25.29
C GLN A 139 -11.81 14.79 26.57
N GLY A 140 -11.25 14.37 27.70
CA GLY A 140 -11.60 14.96 28.98
C GLY A 140 -11.38 16.45 28.99
N ILE A 141 -10.27 16.89 28.39
CA ILE A 141 -9.97 18.32 28.35
C ILE A 141 -11.00 19.05 27.48
N LEU A 142 -11.34 18.47 26.33
CA LEU A 142 -12.27 19.16 25.44
C LEU A 142 -13.61 19.37 26.13
N LEU A 143 -13.99 18.41 26.95
CA LEU A 143 -15.21 18.49 27.74
C LEU A 143 -15.09 19.47 28.89
N ALA A 144 -14.08 19.29 29.73
CA ALA A 144 -13.97 20.12 30.94
C ALA A 144 -13.69 21.58 30.59
N SER B 3 24.63 4.46 6.04
CA SER B 3 23.50 3.55 6.20
C SER B 3 22.64 3.51 4.95
N PRO B 4 21.92 2.41 4.74
CA PRO B 4 21.14 2.24 3.51
C PRO B 4 19.98 3.22 3.45
N THR B 5 19.55 3.54 2.23
CA THR B 5 18.50 4.55 2.08
C THR B 5 17.15 3.90 1.81
N GLN B 6 16.18 4.25 2.65
CA GLN B 6 14.82 3.73 2.47
C GLN B 6 14.12 4.57 1.42
N ILE B 7 13.87 4.02 0.25
CA ILE B 7 13.23 4.76 -0.83
C ILE B 7 11.71 4.63 -0.74
N PHE B 8 11.34 3.43 -0.30
CA PHE B 8 9.98 3.05 0.04
C PHE B 8 10.04 2.27 1.36
N GLU B 9 8.90 2.16 2.01
CA GLU B 9 8.83 1.47 3.31
C GLU B 9 9.53 0.12 3.22
N HIS B 10 9.31 -0.57 2.11
CA HIS B 10 9.79 -1.92 1.89
C HIS B 10 11.03 -2.00 1.01
N VAL B 11 11.69 -0.89 0.70
CA VAL B 11 12.84 -0.95 -0.20
C VAL B 11 13.97 -0.03 0.26
N PHE B 12 15.10 -0.65 0.56
CA PHE B 12 16.32 0.06 0.92
C PHE B 12 17.31 0.00 -0.26
N LEU B 13 18.01 1.11 -0.42
CA LEU B 13 19.04 1.27 -1.44
C LEU B 13 20.40 1.51 -0.78
N GLY B 14 21.40 0.69 -1.10
CA GLY B 14 22.71 0.87 -0.48
C GLY B 14 23.85 0.10 -1.11
N SER B 15 24.90 -0.12 -0.33
CA SER B 15 26.18 -0.62 -0.77
C SER B 15 26.59 -1.92 -0.10
N GLU B 16 27.79 -2.38 -0.44
CA GLU B 16 28.32 -3.62 0.11
C GLU B 16 28.65 -3.44 1.58
N TRP B 17 28.97 -2.20 1.98
CA TRP B 17 29.19 -1.94 3.41
C TRP B 17 27.87 -1.90 4.16
N ASN B 18 26.79 -1.61 3.45
CA ASN B 18 25.44 -1.79 3.93
C ASN B 18 25.06 -3.27 3.93
N ALA B 19 25.56 -4.01 2.93
CA ALA B 19 25.17 -5.43 2.87
C ALA B 19 25.92 -6.24 3.93
N SER B 20 26.96 -5.65 4.47
CA SER B 20 27.88 -6.25 5.40
C SER B 20 27.57 -6.05 6.86
N ASN B 21 26.59 -5.23 7.22
CA ASN B 21 26.24 -4.98 8.61
C ASN B 21 24.95 -5.70 9.01
N LEU B 22 25.15 -6.89 9.56
CA LEU B 22 24.15 -7.85 9.95
C LEU B 22 23.14 -7.28 10.95
N GLU B 23 23.66 -6.66 12.01
CA GLU B 23 22.78 -6.06 13.02
C GLU B 23 21.93 -4.97 12.38
N ASP B 24 22.57 -4.17 11.53
CA ASP B 24 21.89 -3.06 10.88
C ASP B 24 20.70 -3.54 10.05
N LEU B 25 20.94 -4.60 9.29
CA LEU B 25 19.97 -5.11 8.34
C LEU B 25 18.76 -5.73 9.04
N GLN B 26 19.05 -6.55 10.04
CA GLN B 26 17.99 -7.15 10.83
C GLN B 26 17.16 -6.09 11.53
N ASN B 27 17.83 -5.12 12.14
CA ASN B 27 17.18 -4.04 12.86
C ASN B 27 16.22 -3.24 12.00
N ARG B 28 16.56 -3.01 10.74
CA ARG B 28 15.66 -2.22 9.88
C ARG B 28 14.45 -3.03 9.44
N GLY B 29 14.50 -4.34 9.69
CA GLY B 29 13.46 -5.25 9.26
C GLY B 29 13.70 -5.86 7.89
N VAL B 30 14.90 -5.73 7.34
CA VAL B 30 15.28 -6.38 6.09
C VAL B 30 15.44 -7.88 6.24
N ARG B 31 14.77 -8.67 5.39
CA ARG B 31 15.01 -10.11 5.38
C ARG B 31 15.29 -10.57 3.95
N TYR B 32 15.11 -9.65 3.01
CA TYR B 32 15.32 -9.92 1.59
C TYR B 32 16.43 -9.05 1.03
N ILE B 33 17.34 -9.65 0.27
CA ILE B 33 18.49 -8.90 -0.20
C ILE B 33 18.78 -9.16 -1.68
N LEU B 34 18.56 -8.11 -2.48
CA LEU B 34 18.78 -8.12 -3.92
C LEU B 34 20.18 -7.62 -4.23
N ASN B 35 21.06 -8.56 -4.49
CA ASN B 35 22.48 -8.34 -4.74
C ASN B 35 22.75 -8.16 -6.23
N VAL B 36 22.77 -6.92 -6.69
CA VAL B 36 22.87 -6.65 -8.13
C VAL B 36 24.33 -6.50 -8.56
N THR B 37 25.14 -7.49 -8.21
CA THR B 37 26.56 -7.51 -8.48
C THR B 37 27.01 -8.94 -8.86
N ARG B 38 28.17 -9.00 -9.47
CA ARG B 38 28.89 -10.24 -9.75
C ARG B 38 30.00 -10.44 -8.73
N GLU B 39 30.57 -9.34 -8.26
CA GLU B 39 31.76 -9.32 -7.44
C GLU B 39 31.56 -9.14 -5.95
N ILE B 40 30.34 -8.92 -5.46
CA ILE B 40 30.16 -8.79 -4.02
C ILE B 40 29.49 -10.03 -3.44
N ASP B 41 29.96 -10.49 -2.29
CA ASP B 41 29.41 -11.71 -1.69
C ASP B 41 28.01 -11.49 -1.09
N ASN B 42 27.32 -12.60 -0.92
CA ASN B 42 26.22 -12.81 -0.01
C ASN B 42 26.76 -13.02 1.41
N PHE B 43 26.80 -11.94 2.18
CA PHE B 43 27.45 -11.98 3.47
C PHE B 43 26.78 -12.89 4.49
N PHE B 44 25.45 -13.01 4.49
CA PHE B 44 24.79 -13.74 5.57
C PHE B 44 23.77 -14.76 5.08
N PRO B 45 24.18 -15.76 4.30
CA PRO B 45 23.20 -16.71 3.76
C PRO B 45 22.53 -17.49 4.90
N GLY B 46 21.21 -17.68 4.83
CA GLY B 46 20.53 -18.41 5.89
C GLY B 46 19.88 -17.48 6.89
N VAL B 47 20.31 -16.22 6.90
CA VAL B 47 19.66 -15.18 7.69
C VAL B 47 18.60 -14.46 6.85
N PHE B 48 19.00 -14.09 5.63
CA PHE B 48 18.08 -13.46 4.69
C PHE B 48 18.03 -14.26 3.39
N GLU B 49 16.90 -14.15 2.71
CA GLU B 49 16.73 -14.53 1.33
C GLU B 49 17.52 -13.57 0.42
N TYR B 50 18.38 -14.18 -0.37
CA TYR B 50 19.21 -13.55 -1.37
C TYR B 50 18.67 -13.80 -2.78
N HIS B 51 18.94 -12.87 -3.67
CA HIS B 51 18.76 -13.00 -5.10
C HIS B 51 19.84 -12.16 -5.80
N ASN B 52 20.55 -12.78 -6.72
CA ASN B 52 21.70 -12.15 -7.35
C ASN B 52 21.47 -11.91 -8.83
N ILE B 53 21.98 -10.79 -9.31
CA ILE B 53 22.07 -10.41 -10.71
C ILE B 53 23.56 -10.28 -11.07
N ARG B 54 24.11 -11.35 -11.61
CA ARG B 54 25.57 -11.50 -11.66
C ARG B 54 26.20 -10.74 -12.82
N VAL B 55 26.27 -9.44 -12.60
CA VAL B 55 26.46 -8.38 -13.56
C VAL B 55 27.44 -7.33 -13.06
N TYR B 56 28.22 -6.75 -13.96
CA TYR B 56 29.17 -5.70 -13.61
C TYR B 56 28.59 -4.31 -13.92
N ASP B 57 29.14 -3.30 -13.25
CA ASP B 57 28.78 -1.92 -13.53
C ASP B 57 29.55 -1.41 -14.75
N GLU B 58 29.12 -1.89 -15.91
CA GLU B 58 29.67 -1.49 -17.20
C GLU B 58 28.55 -1.41 -18.26
N GLU B 59 28.73 -0.49 -19.18
CA GLU B 59 27.79 -0.16 -20.24
C GLU B 59 27.34 -1.40 -21.02
N ALA B 60 28.19 -2.41 -21.07
CA ALA B 60 27.90 -3.63 -21.80
C ALA B 60 26.89 -4.51 -21.07
N THR B 61 26.67 -4.19 -19.79
CA THR B 61 25.69 -4.90 -18.98
C THR B 61 24.27 -4.57 -19.45
N ASP B 62 23.47 -5.60 -19.64
CA ASP B 62 22.06 -5.46 -19.97
C ASP B 62 21.19 -5.74 -18.73
N LEU B 63 21.00 -4.71 -17.93
CA LEU B 63 20.18 -4.75 -16.73
C LEU B 63 18.70 -4.83 -17.08
N LEU B 64 18.34 -4.24 -18.21
CA LEU B 64 16.96 -4.30 -18.70
C LEU B 64 16.47 -5.74 -18.70
N ALA B 65 17.31 -6.66 -19.18
CA ALA B 65 16.95 -8.07 -19.24
C ALA B 65 16.69 -8.66 -17.87
N TYR B 66 17.06 -7.97 -16.79
CA TYR B 66 16.73 -8.54 -15.49
C TYR B 66 15.56 -7.85 -14.79
N TRP B 67 15.06 -6.72 -15.28
CA TRP B 67 14.20 -5.90 -14.42
C TRP B 67 12.82 -6.48 -14.22
N ASN B 68 12.57 -7.69 -14.69
CA ASN B 68 11.33 -8.38 -14.27
C ASN B 68 11.61 -9.24 -13.05
N ASP B 69 12.75 -9.93 -13.04
CA ASP B 69 13.18 -10.76 -11.93
C ASP B 69 13.27 -9.93 -10.65
N THR B 70 13.81 -8.72 -10.85
CA THR B 70 14.05 -7.83 -9.71
C THR B 70 12.75 -7.27 -9.18
N TYR B 71 11.86 -6.85 -10.08
CA TYR B 71 10.53 -6.44 -9.66
C TYR B 71 9.89 -7.56 -8.84
N LYS B 72 10.01 -8.76 -9.40
CA LYS B 72 9.45 -9.98 -8.84
C LYS B 72 9.96 -10.26 -7.44
N PHE B 73 11.28 -10.13 -7.25
CA PHE B 73 11.86 -10.33 -5.92
C PHE B 73 11.42 -9.21 -4.98
N ILE B 74 11.47 -7.97 -5.48
CA ILE B 74 11.15 -6.83 -4.61
C ILE B 74 9.70 -6.90 -4.15
N SER B 75 8.81 -7.24 -5.08
CA SER B 75 7.39 -7.33 -4.78
C SER B 75 7.14 -8.46 -3.78
N LYS B 76 7.92 -9.53 -3.92
CA LYS B 76 7.84 -10.68 -3.04
C LYS B 76 8.14 -10.30 -1.60
N ALA B 77 9.15 -9.45 -1.40
CA ALA B 77 9.47 -8.97 -0.06
C ALA B 77 8.24 -8.33 0.59
N LYS B 78 7.77 -7.28 -0.07
CA LYS B 78 6.55 -6.58 0.33
C LYS B 78 5.39 -7.54 0.55
N LYS B 79 5.31 -8.56 -0.31
CA LYS B 79 4.28 -9.59 -0.17
C LYS B 79 4.30 -10.17 1.23
N HIS B 80 5.50 -10.54 1.70
CA HIS B 80 5.58 -11.13 3.03
C HIS B 80 5.73 -10.07 4.11
N GLY B 81 5.19 -8.89 3.83
CA GLY B 81 5.23 -7.75 4.72
C GLY B 81 6.62 -7.43 5.21
N SER B 82 7.64 -7.71 4.40
CA SER B 82 9.02 -7.47 4.79
C SER B 82 9.69 -6.47 3.85
N LYS B 83 10.99 -6.29 4.05
CA LYS B 83 11.78 -5.28 3.35
C LYS B 83 12.94 -5.95 2.61
N CYS B 84 13.42 -5.26 1.59
CA CYS B 84 14.46 -5.74 0.68
C CYS B 84 15.60 -4.74 0.60
N LEU B 85 16.84 -5.18 0.75
CA LEU B 85 17.96 -4.31 0.45
C LEU B 85 18.40 -4.51 -0.99
N VAL B 86 18.13 -3.53 -1.85
CA VAL B 86 18.77 -3.53 -3.16
C VAL B 86 20.11 -2.80 -3.03
N HIS B 87 21.19 -3.52 -3.30
CA HIS B 87 22.53 -2.96 -3.18
C HIS B 87 23.42 -3.46 -4.32
N SER B 88 24.50 -2.74 -4.54
CA SER B 88 25.61 -3.10 -5.40
C SER B 88 26.91 -2.92 -4.61
N LYS B 89 27.97 -2.45 -5.26
CA LYS B 89 29.15 -2.10 -4.48
C LYS B 89 29.04 -0.69 -3.91
N MET B 90 28.64 0.28 -4.75
CA MET B 90 28.62 1.66 -4.28
C MET B 90 27.20 2.12 -3.93
N GLY B 91 26.19 1.39 -4.39
CA GLY B 91 24.81 1.86 -4.22
C GLY B 91 24.59 3.10 -5.09
N VAL B 92 25.18 3.06 -6.29
CA VAL B 92 25.17 4.25 -7.15
C VAL B 92 24.50 3.98 -8.50
N SER B 93 24.75 2.82 -9.09
CA SER B 93 24.41 2.58 -10.48
C SER B 93 23.61 1.31 -10.71
N ARG B 94 24.22 0.15 -10.46
CA ARG B 94 23.53 -1.11 -10.70
C ARG B 94 22.26 -1.23 -9.87
N SER B 95 22.36 -0.86 -8.60
CA SER B 95 21.26 -0.93 -7.64
C SER B 95 20.25 0.18 -7.87
N ALA B 96 20.74 1.41 -8.01
CA ALA B 96 19.86 2.58 -8.16
C ALA B 96 18.98 2.46 -9.39
N SER B 97 19.58 2.03 -10.50
CA SER B 97 18.85 1.83 -11.75
C SER B 97 17.69 0.87 -11.55
N THR B 98 18.02 -0.22 -10.88
CA THR B 98 17.09 -1.31 -10.63
C THR B 98 15.95 -0.85 -9.74
N VAL B 99 16.30 -0.07 -8.72
CA VAL B 99 15.24 0.48 -7.86
C VAL B 99 14.37 1.43 -8.67
N ILE B 100 15.01 2.26 -9.50
CA ILE B 100 14.25 3.18 -10.34
C ILE B 100 13.33 2.40 -11.27
N ALA B 101 13.86 1.32 -11.84
CA ALA B 101 13.06 0.41 -12.65
C ALA B 101 11.84 -0.10 -11.90
N TYR B 102 12.07 -0.57 -10.67
CA TYR B 102 10.99 -1.06 -9.84
C TYR B 102 9.91 0.00 -9.68
N ALA B 103 10.34 1.21 -9.37
CA ALA B 103 9.41 2.32 -9.15
C ALA B 103 8.50 2.52 -10.36
N MET B 104 9.07 2.44 -11.56
CA MET B 104 8.37 2.67 -12.80
C MET B 104 7.27 1.65 -13.03
N LYS B 105 7.66 0.37 -12.96
CA LYS B 105 6.73 -0.73 -13.15
C LYS B 105 5.65 -0.76 -12.07
N GLU B 106 6.05 -0.81 -10.81
CA GLU B 106 5.19 -0.98 -9.65
C GLU B 106 4.16 0.14 -9.49
N TYR B 107 4.59 1.39 -9.61
CA TYR B 107 3.70 2.52 -9.36
C TYR B 107 3.25 3.20 -10.66
N GLY B 108 3.80 2.74 -11.79
CA GLY B 108 3.46 3.31 -13.08
C GLY B 108 4.00 4.73 -13.23
N TRP B 109 5.18 4.96 -12.67
CA TRP B 109 5.85 6.24 -12.74
C TRP B 109 6.70 6.38 -14.00
N ASN B 110 6.61 7.52 -14.65
CA ASN B 110 7.51 7.81 -15.77
C ASN B 110 8.95 7.84 -15.26
N LEU B 111 9.91 7.69 -16.18
CA LEU B 111 11.31 7.65 -15.81
C LEU B 111 11.74 8.89 -15.04
N ASP B 112 11.47 10.07 -15.60
CA ASP B 112 11.97 11.29 -14.96
C ASP B 112 11.40 11.43 -13.55
N ARG B 113 10.11 11.12 -13.46
CA ARG B 113 9.38 10.98 -12.22
C ARG B 113 10.13 10.06 -11.25
N ALA B 114 10.39 8.84 -11.71
CA ALA B 114 11.05 7.82 -10.90
C ALA B 114 12.50 8.19 -10.59
N TYR B 115 13.23 8.72 -11.57
CA TYR B 115 14.63 9.09 -11.31
C TYR B 115 14.76 10.08 -10.16
N ASP B 116 13.98 11.14 -10.21
CA ASP B 116 14.07 12.27 -9.29
C ASP B 116 13.67 11.87 -7.87
N TYR B 117 12.70 10.99 -7.79
CA TYR B 117 12.19 10.49 -6.51
C TYR B 117 13.31 9.80 -5.73
N VAL B 118 14.04 8.93 -6.43
CA VAL B 118 15.11 8.17 -5.80
C VAL B 118 16.35 9.00 -5.56
N LYS B 119 16.70 9.88 -6.51
CA LYS B 119 17.86 10.72 -6.40
C LYS B 119 17.78 11.64 -5.18
N GLU B 120 16.60 12.21 -4.96
CA GLU B 120 16.35 13.10 -3.83
C GLU B 120 16.58 12.43 -2.49
N ARG B 121 16.22 11.15 -2.37
CA ARG B 121 16.48 10.46 -1.11
C ARG B 121 17.89 9.88 -1.09
N ARG B 122 18.33 9.33 -2.21
CA ARG B 122 19.70 8.86 -2.34
C ARG B 122 20.48 9.72 -3.33
N THR B 123 21.06 10.79 -2.80
CA THR B 123 21.73 11.81 -3.60
C THR B 123 22.82 11.23 -4.51
N VAL B 124 23.51 10.17 -4.08
CA VAL B 124 24.66 9.69 -4.82
C VAL B 124 24.26 8.95 -6.10
N THR B 125 22.97 8.69 -6.26
CA THR B 125 22.47 7.94 -7.40
C THR B 125 23.01 8.48 -8.72
N LYS B 126 23.62 7.59 -9.51
CA LYS B 126 24.03 7.97 -10.85
C LYS B 126 24.25 6.73 -11.71
N PRO B 127 23.17 6.19 -12.26
CA PRO B 127 23.28 5.01 -13.12
C PRO B 127 24.29 5.28 -14.23
N ASN B 128 25.01 4.26 -14.72
CA ASN B 128 25.87 4.52 -15.89
C ASN B 128 24.99 4.95 -17.07
N PRO B 129 25.56 5.73 -17.98
CA PRO B 129 24.84 6.25 -19.14
C PRO B 129 24.18 5.16 -19.97
N SER B 130 24.76 3.98 -19.98
CA SER B 130 24.14 2.85 -20.68
C SER B 130 22.93 2.35 -19.88
N PHE B 131 23.03 2.37 -18.55
CA PHE B 131 21.87 2.01 -17.74
C PHE B 131 20.74 3.02 -17.91
N MET B 132 21.14 4.26 -18.17
CA MET B 132 20.16 5.32 -18.35
C MET B 132 19.42 5.17 -19.66
N ARG B 133 20.15 4.89 -20.73
CA ARG B 133 19.56 4.54 -22.02
C ARG B 133 18.54 3.42 -21.86
N GLN B 134 18.90 2.45 -21.03
CA GLN B 134 18.08 1.26 -20.80
C GLN B 134 16.81 1.59 -20.03
N LEU B 135 16.92 2.51 -19.08
CA LEU B 135 15.77 2.91 -18.27
C LEU B 135 14.73 3.61 -19.14
N GLU B 136 15.23 4.43 -20.06
CA GLU B 136 14.42 5.04 -21.10
C GLU B 136 13.76 3.97 -21.97
N GLU B 137 14.51 2.92 -22.28
CA GLU B 137 13.96 1.80 -23.03
C GLU B 137 12.86 1.09 -22.24
N TYR B 138 13.12 0.89 -20.95
CA TYR B 138 12.15 0.23 -20.08
C TYR B 138 10.77 0.90 -20.18
N GLN B 139 10.79 2.22 -20.12
CA GLN B 139 9.60 3.06 -20.18
C GLN B 139 8.81 2.83 -21.46
N GLY B 140 9.52 2.88 -22.59
CA GLY B 140 8.88 2.64 -23.88
C GLY B 140 8.10 1.32 -23.85
N ILE B 141 8.77 0.30 -23.34
CA ILE B 141 8.18 -1.03 -23.24
C ILE B 141 7.02 -1.06 -22.27
N LEU B 142 7.15 -0.39 -21.13
CA LEU B 142 6.03 -0.39 -20.19
C LEU B 142 4.86 0.40 -20.76
N LEU B 143 5.17 1.49 -21.46
CA LEU B 143 4.16 2.31 -22.11
C LEU B 143 3.49 1.61 -23.28
N ALA B 144 4.29 0.99 -24.14
CA ALA B 144 3.70 0.24 -25.26
C ALA B 144 2.87 -0.93 -24.76
N SER C 3 -12.45 -28.17 -5.93
CA SER C 3 -12.51 -27.24 -4.80
C SER C 3 -12.62 -25.79 -5.28
N PRO C 4 -12.95 -24.89 -4.36
CA PRO C 4 -12.77 -23.46 -4.59
C PRO C 4 -11.30 -23.14 -4.81
N THR C 5 -10.98 -21.92 -5.24
CA THR C 5 -9.59 -21.50 -5.38
C THR C 5 -9.21 -20.51 -4.28
N GLN C 6 -8.22 -20.86 -3.46
CA GLN C 6 -7.63 -19.90 -2.54
C GLN C 6 -6.93 -18.79 -3.32
N ILE C 7 -7.36 -17.56 -3.08
CA ILE C 7 -6.71 -16.42 -3.75
C ILE C 7 -5.78 -15.71 -2.79
N PHE C 8 -6.21 -15.68 -1.53
CA PHE C 8 -5.49 -15.13 -0.40
C PHE C 8 -5.66 -16.06 0.79
N GLU C 9 -4.98 -15.77 1.89
CA GLU C 9 -5.17 -16.55 3.10
C GLU C 9 -6.64 -16.62 3.48
N HIS C 10 -7.35 -15.51 3.24
CA HIS C 10 -8.73 -15.34 3.66
C HIS C 10 -9.69 -15.26 2.48
N VAL C 11 -9.27 -15.51 1.25
CA VAL C 11 -10.21 -15.39 0.13
C VAL C 11 -10.11 -16.58 -0.83
N PHE C 12 -11.25 -17.22 -1.04
CA PHE C 12 -11.44 -18.29 -2.00
C PHE C 12 -12.46 -17.84 -3.04
N LEU C 13 -12.30 -18.33 -4.26
CA LEU C 13 -13.20 -18.04 -5.38
C LEU C 13 -13.80 -19.33 -5.91
N GLY C 14 -15.12 -19.47 -5.90
CA GLY C 14 -15.72 -20.71 -6.35
C GLY C 14 -17.07 -20.60 -7.02
N SER C 15 -17.72 -21.74 -7.23
CA SER C 15 -19.01 -21.82 -7.89
C SER C 15 -20.14 -22.13 -6.92
N GLU C 16 -21.35 -22.31 -7.45
CA GLU C 16 -22.48 -22.69 -6.62
C GLU C 16 -22.22 -24.03 -5.93
N TRP C 17 -21.49 -24.90 -6.62
CA TRP C 17 -21.26 -26.26 -6.12
C TRP C 17 -20.27 -26.29 -4.98
N ASN C 18 -19.42 -25.27 -4.89
CA ASN C 18 -18.57 -25.07 -3.72
C ASN C 18 -19.37 -24.52 -2.55
N ALA C 19 -20.30 -23.61 -2.85
CA ALA C 19 -21.07 -22.98 -1.78
C ALA C 19 -22.09 -23.95 -1.17
N SER C 20 -22.45 -25.00 -1.88
CA SER C 20 -23.38 -26.00 -1.37
C SER C 20 -22.67 -27.22 -0.76
N ASN C 21 -21.35 -27.22 -0.72
CA ASN C 21 -20.59 -28.33 -0.16
C ASN C 21 -20.14 -28.00 1.27
N LEU C 22 -20.95 -28.41 2.24
CA LEU C 22 -20.82 -27.99 3.62
C LEU C 22 -19.53 -28.46 4.28
N GLU C 23 -19.20 -29.75 4.15
CA GLU C 23 -18.03 -30.24 4.91
C GLU C 23 -16.76 -29.58 4.38
N ASP C 24 -16.71 -29.42 3.06
CA ASP C 24 -15.53 -28.84 2.42
C ASP C 24 -15.23 -27.45 2.98
N LEU C 25 -16.24 -26.58 2.95
CA LEU C 25 -16.07 -25.19 3.33
C LEU C 25 -15.65 -25.06 4.79
N GLN C 26 -16.44 -25.69 5.64
CA GLN C 26 -16.20 -25.72 7.08
C GLN C 26 -14.75 -26.10 7.37
N ASN C 27 -14.29 -27.12 6.67
CA ASN C 27 -12.96 -27.68 6.80
C ASN C 27 -11.88 -26.73 6.28
N ARG C 28 -12.18 -25.95 5.25
CA ARG C 28 -11.21 -24.97 4.78
C ARG C 28 -11.08 -23.81 5.79
N GLY C 29 -12.05 -23.71 6.69
CA GLY C 29 -12.04 -22.64 7.68
C GLY C 29 -12.80 -21.41 7.22
N VAL C 30 -13.64 -21.54 6.20
CA VAL C 30 -14.49 -20.45 5.78
C VAL C 30 -15.73 -20.39 6.67
N ARG C 31 -16.14 -19.18 7.06
CA ARG C 31 -17.37 -19.05 7.85
C ARG C 31 -18.20 -17.90 7.29
N TYR C 32 -17.59 -17.22 6.34
CA TYR C 32 -18.14 -16.06 5.64
C TYR C 32 -18.35 -16.40 4.18
N ILE C 33 -19.50 -16.01 3.64
CA ILE C 33 -19.80 -16.33 2.24
C ILE C 33 -20.46 -15.15 1.52
N LEU C 34 -19.82 -14.72 0.44
CA LEU C 34 -20.24 -13.63 -0.41
C LEU C 34 -20.88 -14.18 -1.68
N ASN C 35 -22.20 -14.13 -1.73
CA ASN C 35 -22.99 -14.71 -2.82
C ASN C 35 -23.31 -13.63 -3.86
N VAL C 36 -22.52 -13.59 -4.92
CA VAL C 36 -22.65 -12.59 -5.97
C VAL C 36 -23.52 -13.10 -7.13
N THR C 37 -24.71 -13.58 -6.79
CA THR C 37 -25.68 -14.06 -7.74
C THR C 37 -27.10 -13.60 -7.38
N ARG C 38 -27.95 -13.61 -8.40
CA ARG C 38 -29.38 -13.44 -8.24
C ARG C 38 -30.08 -14.78 -8.01
N GLU C 39 -29.49 -15.85 -8.52
CA GLU C 39 -30.19 -17.12 -8.68
C GLU C 39 -29.69 -18.24 -7.78
N ILE C 40 -28.53 -18.11 -7.13
CA ILE C 40 -28.12 -19.22 -6.29
C ILE C 40 -28.41 -18.94 -4.81
N ASP C 41 -28.92 -19.96 -4.16
CA ASP C 41 -29.35 -19.96 -2.78
C ASP C 41 -28.21 -19.84 -1.78
N ASN C 42 -28.57 -19.32 -0.61
CA ASN C 42 -27.85 -19.41 0.64
C ASN C 42 -28.15 -20.77 1.27
N PHE C 43 -27.26 -21.72 1.03
CA PHE C 43 -27.55 -23.12 1.36
C PHE C 43 -27.62 -23.38 2.84
N PHE C 44 -26.78 -22.70 3.63
CA PHE C 44 -26.59 -23.09 5.03
C PHE C 44 -26.75 -21.95 6.01
N PRO C 45 -27.85 -21.23 5.98
CA PRO C 45 -28.01 -20.11 6.94
C PRO C 45 -28.01 -20.65 8.36
N GLY C 46 -27.21 -20.02 9.23
CA GLY C 46 -27.05 -20.51 10.59
C GLY C 46 -25.73 -21.24 10.77
N VAL C 47 -25.08 -21.59 9.66
CA VAL C 47 -23.74 -22.16 9.71
C VAL C 47 -22.71 -21.10 9.31
N PHE C 48 -22.99 -20.38 8.22
CA PHE C 48 -22.07 -19.33 7.80
C PHE C 48 -22.76 -17.95 7.83
N GLU C 49 -21.95 -16.92 7.96
CA GLU C 49 -22.41 -15.55 7.76
C GLU C 49 -22.40 -15.26 6.26
N TYR C 50 -23.54 -14.83 5.73
CA TYR C 50 -23.75 -14.57 4.32
C TYR C 50 -23.86 -13.07 4.02
N HIS C 51 -23.36 -12.71 2.87
CA HIS C 51 -23.57 -11.43 2.21
C HIS C 51 -23.97 -11.67 0.76
N ASN C 52 -25.03 -11.02 0.30
CA ASN C 52 -25.54 -11.34 -1.03
C ASN C 52 -25.60 -10.12 -1.94
N ILE C 53 -25.18 -10.30 -3.18
CA ILE C 53 -25.33 -9.30 -4.23
C ILE C 53 -26.20 -9.89 -5.35
N ARG C 54 -27.50 -9.58 -5.29
CA ARG C 54 -28.51 -10.20 -6.12
C ARG C 54 -28.62 -9.58 -7.51
N VAL C 55 -27.71 -10.01 -8.36
CA VAL C 55 -27.46 -9.48 -9.68
C VAL C 55 -27.19 -10.57 -10.69
N TYR C 56 -27.44 -10.35 -11.98
CA TYR C 56 -27.22 -11.36 -12.99
C TYR C 56 -25.89 -11.18 -13.70
N ASP C 57 -25.43 -12.24 -14.37
CA ASP C 57 -24.16 -12.18 -15.09
C ASP C 57 -24.37 -11.63 -16.50
N GLU C 58 -24.80 -10.38 -16.58
CA GLU C 58 -25.02 -9.73 -17.86
C GLU C 58 -24.43 -8.32 -17.94
N GLU C 59 -24.18 -7.93 -19.18
CA GLU C 59 -23.74 -6.65 -19.65
C GLU C 59 -24.44 -5.50 -18.97
N ALA C 60 -25.70 -5.70 -18.62
CA ALA C 60 -26.51 -4.65 -18.00
C ALA C 60 -26.24 -4.53 -16.51
N THR C 61 -25.58 -5.54 -15.94
CA THR C 61 -25.28 -5.54 -14.51
C THR C 61 -24.21 -4.50 -14.17
N ASP C 62 -24.48 -3.71 -13.13
CA ASP C 62 -23.52 -2.75 -12.58
C ASP C 62 -22.92 -3.26 -11.27
N LEU C 63 -21.79 -3.96 -11.38
CA LEU C 63 -21.11 -4.50 -10.21
C LEU C 63 -20.33 -3.43 -9.45
N LEU C 64 -19.78 -2.50 -10.19
CA LEU C 64 -19.10 -1.32 -9.66
C LEU C 64 -19.84 -0.73 -8.48
N ALA C 65 -21.17 -0.69 -8.60
CA ALA C 65 -22.01 -0.14 -7.54
C ALA C 65 -21.85 -0.83 -6.20
N TYR C 66 -21.49 -2.11 -6.13
CA TYR C 66 -21.50 -2.77 -4.83
C TYR C 66 -20.09 -3.12 -4.35
N TRP C 67 -19.05 -2.61 -5.02
CA TRP C 67 -17.72 -3.12 -4.67
C TRP C 67 -17.16 -2.54 -3.39
N ASN C 68 -17.79 -1.56 -2.77
CA ASN C 68 -17.36 -1.15 -1.42
C ASN C 68 -17.96 -2.07 -0.35
N ASP C 69 -19.15 -2.57 -0.63
CA ASP C 69 -19.84 -3.50 0.25
C ASP C 69 -19.10 -4.83 0.36
N THR C 70 -18.61 -5.31 -0.77
CA THR C 70 -17.90 -6.59 -0.81
C THR C 70 -16.54 -6.50 -0.15
N TYR C 71 -15.82 -5.41 -0.42
CA TYR C 71 -14.54 -5.18 0.24
C TYR C 71 -14.77 -5.25 1.77
N LYS C 72 -15.76 -4.48 2.16
CA LYS C 72 -16.28 -4.27 3.49
C LYS C 72 -16.61 -5.57 4.20
N PHE C 73 -17.30 -6.45 3.49
CA PHE C 73 -17.66 -7.77 4.03
C PHE C 73 -16.45 -8.69 4.04
N ILE C 74 -15.70 -8.73 2.93
CA ILE C 74 -14.53 -9.60 2.90
C ILE C 74 -13.57 -9.20 4.01
N SER C 75 -13.53 -7.89 4.25
CA SER C 75 -12.65 -7.33 5.27
C SER C 75 -12.97 -7.94 6.63
N LYS C 76 -14.25 -8.06 6.92
CA LYS C 76 -14.71 -8.57 8.22
C LYS C 76 -14.24 -9.99 8.46
N ALA C 77 -14.26 -10.81 7.41
CA ALA C 77 -13.82 -12.19 7.51
C ALA C 77 -12.37 -12.27 7.97
N LYS C 78 -11.46 -11.70 7.18
CA LYS C 78 -10.05 -11.73 7.55
C LYS C 78 -9.83 -11.10 8.93
N LYS C 79 -10.54 -10.01 9.19
CA LYS C 79 -10.44 -9.32 10.46
C LYS C 79 -10.65 -10.30 11.62
N HIS C 80 -11.74 -11.07 11.55
CA HIS C 80 -12.10 -12.01 12.60
C HIS C 80 -11.32 -13.31 12.48
N GLY C 81 -10.09 -13.22 11.97
CA GLY C 81 -9.25 -14.38 11.72
C GLY C 81 -9.99 -15.45 10.93
N SER C 82 -10.88 -15.01 10.05
CA SER C 82 -11.75 -15.94 9.32
C SER C 82 -11.42 -15.91 7.83
N LYS C 83 -12.13 -16.72 7.05
CA LYS C 83 -12.01 -16.75 5.59
C LYS C 83 -13.38 -16.52 4.95
N CYS C 84 -13.36 -16.24 3.65
CA CYS C 84 -14.55 -15.88 2.90
C CYS C 84 -14.60 -16.68 1.61
N LEU C 85 -15.73 -17.34 1.34
CA LEU C 85 -15.92 -17.84 -0.02
C LEU C 85 -16.63 -16.77 -0.85
N VAL C 86 -15.95 -16.28 -1.87
CA VAL C 86 -16.64 -15.47 -2.88
C VAL C 86 -17.05 -16.38 -4.02
N HIS C 87 -18.35 -16.44 -4.30
CA HIS C 87 -18.86 -17.38 -5.29
C HIS C 87 -19.95 -16.75 -6.14
N SER C 88 -20.15 -17.36 -7.31
CA SER C 88 -21.22 -17.04 -8.23
C SER C 88 -21.84 -18.36 -8.68
N LYS C 89 -22.29 -18.45 -9.92
CA LYS C 89 -22.74 -19.76 -10.39
C LYS C 89 -21.55 -20.59 -10.86
N MET C 90 -20.74 -19.98 -11.73
CA MET C 90 -19.62 -20.70 -12.35
C MET C 90 -18.30 -20.35 -11.68
N GLY C 91 -18.27 -19.24 -10.92
CA GLY C 91 -17.00 -18.79 -10.37
C GLY C 91 -16.09 -18.27 -11.47
N VAL C 92 -16.68 -17.57 -12.43
CA VAL C 92 -15.99 -17.13 -13.62
C VAL C 92 -15.99 -15.61 -13.78
N SER C 93 -17.12 -14.98 -13.46
CA SER C 93 -17.31 -13.58 -13.86
C SER C 93 -17.68 -12.67 -12.70
N ARG C 94 -18.92 -12.74 -12.25
CA ARG C 94 -19.43 -11.91 -11.18
C ARG C 94 -18.53 -11.96 -9.94
N SER C 95 -18.12 -13.17 -9.58
CA SER C 95 -17.34 -13.44 -8.38
C SER C 95 -15.86 -13.10 -8.60
N ALA C 96 -15.30 -13.58 -9.70
CA ALA C 96 -13.92 -13.31 -10.05
C ALA C 96 -13.63 -11.81 -10.15
N SER C 97 -14.60 -11.06 -10.68
CA SER C 97 -14.47 -9.61 -10.79
C SER C 97 -14.45 -8.94 -9.43
N THR C 98 -15.35 -9.41 -8.56
CA THR C 98 -15.45 -8.91 -7.21
C THR C 98 -14.17 -9.14 -6.41
N VAL C 99 -13.58 -10.31 -6.63
CA VAL C 99 -12.33 -10.68 -5.97
C VAL C 99 -11.17 -9.88 -6.54
N ILE C 100 -11.24 -9.60 -7.85
CA ILE C 100 -10.25 -8.68 -8.43
C ILE C 100 -10.37 -7.30 -7.80
N ALA C 101 -11.59 -6.78 -7.71
CA ALA C 101 -11.83 -5.46 -7.14
C ALA C 101 -11.28 -5.35 -5.73
N TYR C 102 -11.48 -6.40 -4.93
CA TYR C 102 -10.97 -6.43 -3.58
C TYR C 102 -9.46 -6.21 -3.52
N ALA C 103 -8.75 -6.93 -4.37
CA ALA C 103 -7.31 -6.91 -4.44
C ALA C 103 -6.79 -5.54 -4.89
N MET C 104 -7.42 -4.96 -5.91
CA MET C 104 -7.06 -3.63 -6.39
C MET C 104 -7.16 -2.63 -5.25
N LYS C 105 -8.30 -2.68 -4.56
CA LYS C 105 -8.51 -1.80 -3.43
C LYS C 105 -7.57 -2.14 -2.27
N GLU C 106 -7.67 -3.39 -1.82
CA GLU C 106 -6.96 -3.86 -0.64
C GLU C 106 -5.45 -3.88 -0.80
N TYR C 107 -4.93 -4.32 -1.95
CA TYR C 107 -3.47 -4.37 -2.11
C TYR C 107 -2.94 -3.27 -3.01
N GLY C 108 -3.82 -2.35 -3.40
CA GLY C 108 -3.48 -1.23 -4.26
C GLY C 108 -2.97 -1.66 -5.61
N TRP C 109 -3.48 -2.77 -6.11
CA TRP C 109 -3.05 -3.36 -7.37
C TRP C 109 -3.80 -2.78 -8.56
N ASN C 110 -3.07 -2.40 -9.61
CA ASN C 110 -3.72 -2.04 -10.87
C ASN C 110 -4.57 -3.20 -11.35
N LEU C 111 -5.55 -2.93 -12.20
CA LEU C 111 -6.40 -3.97 -12.75
C LEU C 111 -5.62 -5.10 -13.41
N ASP C 112 -4.62 -4.76 -14.20
CA ASP C 112 -3.92 -5.73 -15.02
C ASP C 112 -3.10 -6.67 -14.13
N ARG C 113 -2.43 -6.06 -13.16
CA ARG C 113 -1.73 -6.67 -12.05
C ARG C 113 -2.62 -7.70 -11.34
N ALA C 114 -3.79 -7.24 -10.94
CA ALA C 114 -4.78 -7.98 -10.18
C ALA C 114 -5.47 -9.03 -11.03
N TYR C 115 -5.73 -8.74 -12.31
CA TYR C 115 -6.34 -9.77 -13.14
C TYR C 115 -5.44 -10.99 -13.29
N ASP C 116 -4.16 -10.73 -13.58
CA ASP C 116 -3.20 -11.78 -13.91
C ASP C 116 -3.00 -12.74 -12.75
N TYR C 117 -2.96 -12.16 -11.55
CA TYR C 117 -2.79 -12.89 -10.32
C TYR C 117 -3.92 -13.89 -10.13
N VAL C 118 -5.15 -13.37 -10.24
CA VAL C 118 -6.32 -14.21 -10.06
C VAL C 118 -6.50 -15.16 -11.23
N LYS C 119 -6.15 -14.69 -12.43
CA LYS C 119 -6.17 -15.57 -13.59
C LYS C 119 -5.09 -16.65 -13.43
N GLU C 120 -3.96 -16.22 -12.92
CA GLU C 120 -2.85 -17.05 -12.48
C GLU C 120 -3.31 -18.23 -11.63
N ARG C 121 -4.22 -17.97 -10.69
CA ARG C 121 -4.62 -19.03 -9.75
C ARG C 121 -5.86 -19.76 -10.25
N ARG C 122 -6.86 -19.01 -10.67
CA ARG C 122 -8.09 -19.64 -11.18
C ARG C 122 -8.26 -19.36 -12.68
N THR C 123 -7.68 -20.25 -13.45
CA THR C 123 -7.61 -20.25 -14.89
C THR C 123 -8.93 -20.00 -15.58
N VAL C 124 -10.06 -20.37 -14.97
CA VAL C 124 -11.34 -20.09 -15.62
C VAL C 124 -11.75 -18.62 -15.49
N THR C 125 -11.07 -17.85 -14.65
CA THR C 125 -11.45 -16.46 -14.44
C THR C 125 -11.60 -15.68 -15.74
N LYS C 126 -12.75 -15.06 -15.96
CA LYS C 126 -12.95 -14.21 -17.12
C LYS C 126 -14.23 -13.38 -16.99
N PRO C 127 -14.14 -12.27 -16.26
CA PRO C 127 -15.29 -11.39 -16.11
C PRO C 127 -15.87 -11.00 -17.47
N ASN C 128 -17.17 -10.78 -17.54
CA ASN C 128 -17.80 -10.40 -18.81
C ASN C 128 -17.29 -9.04 -19.24
N PRO C 129 -17.38 -8.73 -20.53
CA PRO C 129 -16.79 -7.51 -21.09
C PRO C 129 -17.18 -6.25 -20.32
N SER C 130 -18.43 -6.22 -19.88
CA SER C 130 -18.97 -5.03 -19.24
C SER C 130 -18.46 -4.92 -17.80
N PHE C 131 -18.10 -6.06 -17.19
CA PHE C 131 -17.52 -5.97 -15.85
C PHE C 131 -16.07 -5.50 -15.93
N MET C 132 -15.36 -5.96 -16.95
CA MET C 132 -13.95 -5.60 -17.09
C MET C 132 -13.77 -4.11 -17.31
N ARG C 133 -14.66 -3.52 -18.10
CA ARG C 133 -14.66 -2.07 -18.26
C ARG C 133 -14.91 -1.37 -16.92
N GLN C 134 -15.83 -1.94 -16.14
CA GLN C 134 -16.13 -1.40 -14.81
C GLN C 134 -14.95 -1.51 -13.85
N LEU C 135 -14.11 -2.52 -14.05
CA LEU C 135 -12.92 -2.71 -13.23
C LEU C 135 -11.85 -1.67 -13.55
N GLU C 136 -11.75 -1.28 -14.82
CA GLU C 136 -10.87 -0.17 -15.19
C GLU C 136 -11.35 1.14 -14.60
N GLU C 137 -12.66 1.36 -14.66
CA GLU C 137 -13.28 2.53 -14.04
C GLU C 137 -12.99 2.59 -12.54
N TYR C 138 -13.17 1.46 -11.88
CA TYR C 138 -12.89 1.28 -10.47
C TYR C 138 -11.50 1.79 -10.10
N GLN C 139 -10.56 1.54 -11.00
CA GLN C 139 -9.16 1.89 -10.79
C GLN C 139 -8.97 3.41 -10.70
N GLY C 140 -9.39 4.11 -11.74
CA GLY C 140 -9.39 5.57 -11.73
C GLY C 140 -10.09 6.10 -10.48
N ILE C 141 -11.22 5.50 -10.12
CA ILE C 141 -11.88 5.83 -8.86
C ILE C 141 -10.97 5.57 -7.68
N LEU C 142 -10.23 4.44 -7.73
CA LEU C 142 -9.30 4.16 -6.64
C LEU C 142 -8.22 5.23 -6.57
N LEU C 143 -7.71 5.62 -7.74
CA LEU C 143 -6.64 6.60 -7.82
C LEU C 143 -7.09 7.97 -7.34
N ALA C 144 -8.15 8.48 -7.96
CA ALA C 144 -8.65 9.80 -7.55
C ALA C 144 -9.53 9.65 -6.33
S SO4 D . 4.91 7.17 12.97
O1 SO4 D . 5.93 7.41 11.96
O2 SO4 D . 5.09 5.87 13.60
O3 SO4 D . 4.98 8.21 14.00
O4 SO4 D . 3.59 7.21 12.32
S SO4 E . 27.53 0.44 -8.47
O1 SO4 E . 26.98 -0.43 -9.51
O2 SO4 E . 28.42 1.43 -9.08
O3 SO4 E . 26.45 1.14 -7.79
O4 SO4 E . 28.31 -0.38 -7.54
S SO4 F . -20.52 -16.32 -13.06
O1 SO4 F . -20.49 -16.25 -14.53
O2 SO4 F . -20.79 -14.97 -12.53
O3 SO4 F . -21.59 -17.23 -12.66
O4 SO4 F . -19.25 -16.79 -12.54
#